data_8H7H
#
_entry.id   8H7H
#
_cell.length_a   56.766
_cell.length_b   104.777
_cell.length_c   133.014
_cell.angle_alpha   90.0
_cell.angle_beta   90.0
_cell.angle_gamma   90.0
#
_symmetry.space_group_name_H-M   'P 2 21 21'
#
loop_
_entity.id
_entity.type
_entity.pdbx_description
1 polymer 'Tyrosine-protein kinase ABL1'
2 non-polymer 5-[3-(6-methoxyisoquinolin-7-yl)-1H-pyrrolo[2,3-b]pyridin-5-yl]-N-methyl-N-prop-2-ynyl-pyridine-3-carboxamide
3 water water
#
_entity_poly.entity_id   1
_entity_poly.type   'polypeptide(L)'
_entity_poly.pdbx_seq_one_letter_code
;GAMGSSPNYDKWEMERTDITMKHKLGGGQYGEVYEGVWKKYSLTVAVKTLKEDTMEVEEFLKEAAVMKEIKHPNLVQLLG
VCTREPPFYIITEFMTYGNLLDYLRECNRQEVNAVVLLYMATQISSAMEYLEKKNFIHRDLAARNCLVGENHLVKVADFG
LSRLMTGDT(PTR)TAHAGAKFPIKWTAPESLAYNKFSIKSDVWAFGVLLWEIATYGMSPYPGIDLSQVYELLEKDYRME
RPEGCPEKVYELMRACWQWNPSDRPSFAEIHQAFETMFQES
;
_entity_poly.pdbx_strand_id   A,B
#
loop_
_chem_comp.id
_chem_comp.type
_chem_comp.name
_chem_comp.formula
QH9 non-polymer 5-[3-(6-methoxyisoquinolin-7-yl)-1H-pyrrolo[2,3-b]pyridin-5-yl]-N-methyl-N-prop-2-ynyl-pyridine-3-carboxamide 'C27 H21 N5 O2'
#
# COMPACT_ATOMS: atom_id res chain seq x y z
N TYR A 9 -12.86 15.29 6.29
CA TYR A 9 -12.77 13.90 6.71
C TYR A 9 -13.93 13.51 7.63
N ASP A 10 -14.02 14.20 8.78
CA ASP A 10 -15.09 13.99 9.74
C ASP A 10 -16.45 14.30 9.12
N LYS A 11 -16.44 15.02 8.00
CA LYS A 11 -17.65 15.42 7.30
C LYS A 11 -18.19 14.23 6.51
N TRP A 12 -17.31 13.28 6.24
CA TRP A 12 -17.65 12.06 5.51
C TRP A 12 -17.98 10.91 6.45
N GLU A 13 -17.50 11.02 7.68
CA GLU A 13 -17.62 9.94 8.66
C GLU A 13 -19.07 9.67 9.03
N MET A 14 -19.42 8.39 9.11
CA MET A 14 -20.76 7.97 9.49
C MET A 14 -20.72 6.67 10.27
N GLU A 15 -21.78 6.38 11.01
CA GLU A 15 -21.85 5.15 11.80
C GLU A 15 -22.14 3.95 10.92
N ARG A 16 -21.55 2.80 11.27
CA ARG A 16 -21.74 1.58 10.50
C ARG A 16 -23.19 1.10 10.53
N THR A 17 -23.90 1.44 11.59
CA THR A 17 -25.27 0.99 11.76
C THR A 17 -26.25 1.86 10.96
N ASP A 18 -25.72 2.80 10.20
CA ASP A 18 -26.52 3.55 9.24
C ASP A 18 -26.65 2.75 7.95
N ILE A 19 -25.83 1.71 7.85
CA ILE A 19 -25.79 0.87 6.65
C ILE A 19 -26.24 -0.55 6.97
N THR A 20 -27.05 -1.12 6.09
CA THR A 20 -27.36 -2.54 6.15
C THR A 20 -26.86 -3.22 4.88
N MET A 21 -26.13 -4.31 5.05
CA MET A 21 -25.58 -5.06 3.93
C MET A 21 -26.64 -5.99 3.34
N LYS A 22 -26.82 -5.93 2.02
CA LYS A 22 -27.87 -6.71 1.37
C LYS A 22 -27.32 -7.88 0.57
N HIS A 23 -26.45 -7.59 -0.40
CA HIS A 23 -25.89 -8.61 -1.28
C HIS A 23 -24.39 -8.39 -1.51
N LYS A 24 -23.63 -9.48 -1.52
CA LYS A 24 -22.21 -9.40 -1.86
C LYS A 24 -22.02 -9.30 -3.38
N LEU A 25 -21.36 -8.23 -3.82
CA LEU A 25 -21.12 -8.02 -5.24
C LEU A 25 -19.85 -8.74 -5.67
N GLY A 26 -19.67 -8.88 -6.98
CA GLY A 26 -18.47 -9.51 -7.50
C GLY A 26 -18.70 -10.28 -8.79
N GLY A 27 -18.76 -11.60 -8.71
CA GLY A 27 -18.57 -12.32 -7.46
C GLY A 27 -17.12 -12.55 -7.11
N GLY A 28 -16.60 -11.70 -6.22
CA GLY A 28 -15.22 -11.77 -5.79
C GLY A 28 -14.25 -11.01 -6.68
N GLN A 29 -14.74 -10.56 -7.83
CA GLN A 29 -13.90 -9.92 -8.85
C GLN A 29 -13.23 -8.66 -8.33
N TYR A 30 -13.95 -7.89 -7.53
CA TYR A 30 -13.43 -6.62 -7.02
C TYR A 30 -13.05 -6.70 -5.54
N GLY A 31 -13.11 -7.90 -4.99
CA GLY A 31 -12.76 -8.11 -3.59
C GLY A 31 -13.98 -8.18 -2.70
N GLU A 32 -13.94 -7.46 -1.58
CA GLU A 32 -15.07 -7.44 -0.65
C GLU A 32 -15.93 -6.20 -0.86
N VAL A 33 -16.68 -6.19 -1.95
CA VAL A 33 -17.61 -5.11 -2.25
C VAL A 33 -19.04 -5.63 -2.12
N TYR A 34 -19.86 -4.91 -1.39
CA TYR A 34 -21.22 -5.36 -1.10
C TYR A 34 -22.26 -4.34 -1.55
N GLU A 35 -23.40 -4.83 -2.03
CA GLU A 35 -24.58 -4.00 -2.20
C GLU A 35 -25.12 -3.70 -0.81
N GLY A 36 -25.40 -2.44 -0.53
CA GLY A 36 -25.87 -2.06 0.78
C GLY A 36 -27.03 -1.08 0.73
N VAL A 37 -27.63 -0.82 1.88
CA VAL A 37 -28.73 0.12 1.98
C VAL A 37 -28.43 1.21 2.99
N TRP A 38 -28.37 2.45 2.52
CA TRP A 38 -28.30 3.60 3.42
C TRP A 38 -29.72 3.86 3.94
N LYS A 39 -30.01 3.31 5.11
CA LYS A 39 -31.39 3.16 5.61
C LYS A 39 -32.22 4.44 5.62
N LYS A 40 -31.66 5.51 6.15
CA LYS A 40 -32.39 6.76 6.31
C LYS A 40 -32.84 7.36 4.98
N TYR A 41 -32.17 6.96 3.89
CA TYR A 41 -32.48 7.49 2.57
C TYR A 41 -33.11 6.46 1.65
N SER A 42 -33.27 5.23 2.15
CA SER A 42 -33.74 4.10 1.33
C SER A 42 -32.89 3.97 0.08
N LEU A 43 -31.59 4.24 0.21
CA LEU A 43 -30.70 4.33 -0.94
C LEU A 43 -29.76 3.14 -1.05
N THR A 44 -29.82 2.47 -2.20
CA THR A 44 -28.88 1.40 -2.48
C THR A 44 -27.49 1.98 -2.71
N VAL A 45 -26.51 1.43 -1.99
CA VAL A 45 -25.14 1.91 -2.08
C VAL A 45 -24.18 0.74 -2.24
N ALA A 46 -22.94 1.03 -2.58
CA ALA A 46 -21.89 0.02 -2.61
C ALA A 46 -20.98 0.20 -1.41
N VAL A 47 -20.73 -0.89 -0.70
CA VAL A 47 -19.93 -0.84 0.52
C VAL A 47 -18.68 -1.70 0.39
N LYS A 48 -17.51 -1.08 0.47
CA LYS A 48 -16.26 -1.80 0.48
C LYS A 48 -15.82 -2.08 1.92
N THR A 49 -15.44 -3.31 2.20
CA THR A 49 -15.00 -3.69 3.54
C THR A 49 -13.60 -4.28 3.52
N LEU A 50 -12.98 -4.34 4.70
CA LEU A 50 -11.64 -4.86 4.85
C LEU A 50 -11.65 -6.13 5.71
N LYS A 51 -11.27 -7.25 5.11
CA LYS A 51 -11.30 -8.53 5.81
C LYS A 51 -10.00 -8.82 6.57
N GLU A 52 -9.51 -10.04 6.44
CA GLU A 52 -8.32 -10.46 7.17
C GLU A 52 -7.06 -10.10 6.41
N ASP A 53 -6.99 -10.53 5.15
CA ASP A 53 -5.80 -10.28 4.34
C ASP A 53 -6.15 -9.73 2.96
N THR A 54 -7.22 -8.95 2.89
CA THR A 54 -7.64 -8.33 1.63
C THR A 54 -6.59 -7.34 1.16
N MET A 55 -6.38 -6.28 1.95
CA MET A 55 -5.32 -5.31 1.69
C MET A 55 -4.88 -4.71 3.02
N GLU A 56 -3.74 -4.03 3.03
CA GLU A 56 -3.23 -3.44 4.26
C GLU A 56 -4.14 -2.29 4.71
N VAL A 57 -4.28 -2.11 6.02
CA VAL A 57 -5.21 -1.15 6.58
C VAL A 57 -4.92 0.29 6.13
N GLU A 58 -3.65 0.67 6.14
CA GLU A 58 -3.28 2.04 5.80
C GLU A 58 -3.51 2.34 4.32
N GLU A 59 -3.44 1.32 3.48
CA GLU A 59 -3.77 1.47 2.08
C GLU A 59 -5.27 1.70 1.91
N PHE A 60 -6.06 0.89 2.61
CA PHE A 60 -7.51 1.01 2.60
C PHE A 60 -7.94 2.40 3.05
N LEU A 61 -7.30 2.90 4.10
CA LEU A 61 -7.62 4.20 4.66
C LEU A 61 -7.20 5.34 3.73
N LYS A 62 -6.13 5.13 2.96
CA LYS A 62 -5.68 6.14 2.02
C LYS A 62 -6.60 6.23 0.80
N GLU A 63 -7.14 5.08 0.39
CA GLU A 63 -8.15 5.05 -0.68
C GLU A 63 -9.33 5.94 -0.33
N ALA A 64 -9.79 5.85 0.91
CA ALA A 64 -10.91 6.64 1.38
C ALA A 64 -10.57 8.13 1.38
N ALA A 65 -9.32 8.45 1.73
CA ALA A 65 -8.89 9.85 1.83
C ALA A 65 -8.79 10.51 0.45
N VAL A 66 -8.26 9.77 -0.51
CA VAL A 66 -8.10 10.29 -1.87
C VAL A 66 -9.46 10.56 -2.53
N MET A 67 -10.41 9.65 -2.33
CA MET A 67 -11.73 9.78 -2.94
C MET A 67 -12.51 10.98 -2.43
N LYS A 68 -12.19 11.44 -1.23
CA LYS A 68 -12.81 12.63 -0.66
C LYS A 68 -12.54 13.87 -1.51
N GLU A 69 -11.45 13.84 -2.27
CA GLU A 69 -11.04 14.98 -3.08
C GLU A 69 -11.59 14.89 -4.50
N ILE A 70 -12.05 13.70 -4.88
CA ILE A 70 -12.51 13.45 -6.24
C ILE A 70 -13.99 13.80 -6.43
N LYS A 71 -14.26 14.71 -7.35
CA LYS A 71 -15.63 15.06 -7.71
C LYS A 71 -15.79 15.29 -9.21
N HIS A 72 -16.48 14.37 -9.87
CA HIS A 72 -16.69 14.42 -11.30
C HIS A 72 -17.87 13.51 -11.65
N PRO A 73 -18.72 13.95 -12.58
CA PRO A 73 -19.94 13.19 -12.91
C PRO A 73 -19.66 11.79 -13.47
N ASN A 74 -18.44 11.56 -13.95
CA ASN A 74 -18.09 10.27 -14.51
C ASN A 74 -17.04 9.53 -13.70
N LEU A 75 -16.91 9.88 -12.43
CA LEU A 75 -16.10 9.15 -11.48
C LEU A 75 -16.98 8.73 -10.30
N VAL A 76 -16.87 7.47 -9.89
CA VAL A 76 -17.68 6.93 -8.80
C VAL A 76 -17.59 7.80 -7.57
N GLN A 77 -18.73 8.34 -7.13
CA GLN A 77 -18.74 9.33 -6.06
C GLN A 77 -18.74 8.69 -4.68
N LEU A 78 -17.83 9.15 -3.83
CA LEU A 78 -17.82 8.74 -2.43
C LEU A 78 -19.04 9.33 -1.71
N LEU A 79 -19.65 8.54 -0.84
CA LEU A 79 -20.80 9.00 -0.08
C LEU A 79 -20.48 9.14 1.41
N GLY A 80 -19.61 8.27 1.91
CA GLY A 80 -19.21 8.31 3.30
C GLY A 80 -18.22 7.22 3.65
N VAL A 81 -17.65 7.29 4.85
CA VAL A 81 -16.73 6.28 5.33
C VAL A 81 -17.00 5.92 6.78
N CYS A 82 -16.59 4.72 7.18
CA CYS A 82 -16.59 4.33 8.58
C CYS A 82 -15.15 3.99 8.96
N THR A 83 -14.42 5.00 9.43
CA THR A 83 -12.99 4.85 9.64
C THR A 83 -12.58 5.11 11.09
N ARG A 84 -13.56 5.26 11.97
CA ARG A 84 -13.26 5.45 13.38
C ARG A 84 -12.83 4.13 14.01
N GLU A 85 -13.65 3.10 13.82
CA GLU A 85 -13.37 1.79 14.39
C GLU A 85 -13.67 0.69 13.37
N PRO A 86 -12.84 -0.38 13.37
CA PRO A 86 -13.07 -1.53 12.50
C PRO A 86 -14.39 -2.24 12.82
N PRO A 87 -15.01 -2.90 11.84
CA PRO A 87 -14.58 -3.03 10.43
C PRO A 87 -14.73 -1.73 9.65
N PHE A 88 -13.72 -1.36 8.87
CA PHE A 88 -13.74 -0.11 8.11
C PHE A 88 -14.60 -0.23 6.85
N TYR A 89 -15.43 0.78 6.62
CA TYR A 89 -16.27 0.85 5.43
C TYR A 89 -15.86 1.97 4.50
N ILE A 90 -16.01 1.75 3.20
CA ILE A 90 -15.98 2.83 2.22
C ILE A 90 -17.29 2.79 1.44
N ILE A 91 -18.10 3.83 1.58
CA ILE A 91 -19.42 3.85 0.98
C ILE A 91 -19.48 4.75 -0.25
N THR A 92 -19.88 4.19 -1.38
CA THR A 92 -20.00 4.95 -2.62
C THR A 92 -21.36 4.73 -3.27
N GLU A 93 -21.65 5.51 -4.30
CA GLU A 93 -22.87 5.35 -5.07
C GLU A 93 -22.91 3.98 -5.75
N PHE A 94 -24.11 3.50 -6.02
CA PHE A 94 -24.29 2.20 -6.65
C PHE A 94 -24.65 2.36 -8.13
N MET A 95 -23.93 1.65 -8.99
CA MET A 95 -24.19 1.66 -10.43
C MET A 95 -24.92 0.39 -10.81
N THR A 96 -26.19 0.54 -11.20
CA THR A 96 -27.13 -0.57 -11.24
C THR A 96 -26.81 -1.65 -12.28
N TYR A 97 -26.12 -1.30 -13.36
CA TYR A 97 -25.89 -2.26 -14.45
C TYR A 97 -24.53 -2.94 -14.41
N GLY A 98 -23.77 -2.72 -13.33
CA GLY A 98 -22.50 -3.40 -13.16
C GLY A 98 -21.40 -2.88 -14.07
N ASN A 99 -20.41 -3.74 -14.35
CA ASN A 99 -19.24 -3.31 -15.11
C ASN A 99 -19.51 -3.24 -16.62
N LEU A 100 -18.73 -2.40 -17.29
CA LEU A 100 -18.96 -2.06 -18.70
C LEU A 100 -18.68 -3.22 -19.64
N LEU A 101 -17.76 -4.09 -19.24
CA LEU A 101 -17.38 -5.22 -20.08
C LEU A 101 -18.56 -6.17 -20.28
N ASP A 102 -19.15 -6.63 -19.18
CA ASP A 102 -20.31 -7.50 -19.23
C ASP A 102 -21.52 -6.79 -19.82
N TYR A 103 -21.62 -5.48 -19.59
CA TYR A 103 -22.70 -4.69 -20.16
C TYR A 103 -22.64 -4.69 -21.69
N LEU A 104 -21.45 -4.46 -22.24
CA LEU A 104 -21.28 -4.43 -23.69
C LEU A 104 -21.53 -5.78 -24.33
N ARG A 105 -21.06 -6.84 -23.65
CA ARG A 105 -21.19 -8.19 -24.19
C ARG A 105 -22.64 -8.65 -24.23
N GLU A 106 -23.45 -8.17 -23.29
CA GLU A 106 -24.81 -8.66 -23.14
C GLU A 106 -25.88 -7.67 -23.62
N CYS A 107 -25.45 -6.55 -24.17
CA CYS A 107 -26.38 -5.49 -24.53
C CYS A 107 -27.14 -5.74 -25.84
N ASN A 108 -28.22 -4.99 -26.00
CA ASN A 108 -28.90 -4.85 -27.28
C ASN A 108 -28.15 -3.80 -28.09
N ARG A 109 -27.47 -4.23 -29.14
CA ARG A 109 -26.64 -3.34 -29.95
C ARG A 109 -27.45 -2.33 -30.75
N GLN A 110 -28.74 -2.60 -30.94
CA GLN A 110 -29.61 -1.65 -31.62
C GLN A 110 -29.89 -0.46 -30.70
N GLU A 111 -29.95 -0.74 -29.40
CA GLU A 111 -30.05 0.31 -28.39
C GLU A 111 -28.68 0.93 -28.12
N VAL A 112 -27.72 0.08 -27.77
CA VAL A 112 -26.34 0.51 -27.56
C VAL A 112 -25.63 0.55 -28.91
N ASN A 113 -25.95 1.58 -29.69
CA ASN A 113 -25.44 1.66 -31.06
C ASN A 113 -24.23 2.59 -31.16
N ALA A 114 -23.89 2.98 -32.39
CA ALA A 114 -22.66 3.71 -32.66
C ALA A 114 -22.57 5.03 -31.89
N VAL A 115 -23.68 5.74 -31.80
CA VAL A 115 -23.67 7.03 -31.11
C VAL A 115 -23.55 6.81 -29.59
N VAL A 116 -24.11 5.71 -29.09
CA VAL A 116 -23.99 5.39 -27.68
C VAL A 116 -22.53 5.08 -27.33
N LEU A 117 -21.84 4.39 -28.23
CA LEU A 117 -20.43 4.08 -28.02
C LEU A 117 -19.60 5.36 -27.89
N LEU A 118 -19.85 6.32 -28.78
CA LEU A 118 -19.17 7.61 -28.73
C LEU A 118 -19.46 8.32 -27.41
N TYR A 119 -20.71 8.24 -26.98
CA TYR A 119 -21.15 8.84 -25.74
C TYR A 119 -20.40 8.24 -24.55
N MET A 120 -20.20 6.92 -24.59
CA MET A 120 -19.45 6.22 -23.56
C MET A 120 -17.98 6.65 -23.51
N ALA A 121 -17.35 6.71 -24.69
CA ALA A 121 -15.95 7.12 -24.78
C ALA A 121 -15.77 8.57 -24.35
N THR A 122 -16.77 9.40 -24.63
CA THR A 122 -16.73 10.80 -24.25
C THR A 122 -16.75 10.93 -22.74
N GLN A 123 -17.64 10.18 -22.10
CA GLN A 123 -17.77 10.20 -20.64
C GLN A 123 -16.49 9.76 -19.95
N ILE A 124 -15.94 8.63 -20.40
CA ILE A 124 -14.71 8.10 -19.83
C ILE A 124 -13.52 9.05 -20.00
N SER A 125 -13.38 9.61 -21.21
CA SER A 125 -12.29 10.53 -21.48
C SER A 125 -12.45 11.82 -20.68
N SER A 126 -13.70 12.19 -20.41
CA SER A 126 -13.98 13.35 -19.56
C SER A 126 -13.46 13.13 -18.14
N ALA A 127 -13.69 11.93 -17.61
CA ALA A 127 -13.20 11.59 -16.28
C ALA A 127 -11.67 11.57 -16.25
N MET A 128 -11.05 11.06 -17.31
CA MET A 128 -9.60 10.98 -17.36
C MET A 128 -8.96 12.35 -17.60
N GLU A 129 -9.67 13.24 -18.28
CA GLU A 129 -9.20 14.62 -18.43
C GLU A 129 -9.17 15.30 -17.06
N TYR A 130 -10.18 15.03 -16.25
CA TYR A 130 -10.25 15.54 -14.88
C TYR A 130 -9.08 15.03 -14.03
N LEU A 131 -8.87 13.72 -14.04
CA LEU A 131 -7.76 13.13 -13.29
C LEU A 131 -6.42 13.67 -13.77
N GLU A 132 -6.31 13.89 -15.07
CA GLU A 132 -5.12 14.45 -15.68
C GLU A 132 -4.81 15.85 -15.12
N LYS A 133 -5.85 16.65 -14.97
CA LYS A 133 -5.70 18.01 -14.44
C LYS A 133 -5.38 18.00 -12.96
N LYS A 134 -5.96 17.05 -12.24
CA LYS A 134 -5.81 16.98 -10.78
C LYS A 134 -4.55 16.21 -10.36
N ASN A 135 -3.68 15.95 -11.33
CA ASN A 135 -2.43 15.23 -11.09
C ASN A 135 -2.66 13.87 -10.43
N PHE A 136 -3.54 13.09 -11.02
CA PHE A 136 -3.78 11.71 -10.60
C PHE A 136 -3.52 10.77 -11.76
N ILE A 137 -3.22 9.51 -11.44
CA ILE A 137 -3.20 8.46 -12.45
C ILE A 137 -4.07 7.29 -11.97
N HIS A 138 -4.55 6.49 -12.92
CA HIS A 138 -5.47 5.41 -12.61
C HIS A 138 -4.75 4.07 -12.55
N ARG A 139 -3.97 3.79 -13.60
CA ARG A 139 -3.09 2.62 -13.70
C ARG A 139 -3.78 1.28 -13.99
N ASP A 140 -5.11 1.27 -14.04
CA ASP A 140 -5.79 0.04 -14.44
C ASP A 140 -7.05 0.34 -15.24
N LEU A 141 -6.91 1.21 -16.23
CA LEU A 141 -8.00 1.57 -17.10
C LEU A 141 -8.38 0.37 -17.96
N ALA A 142 -9.66 -0.02 -17.92
CA ALA A 142 -10.17 -1.15 -18.67
C ALA A 142 -11.68 -1.20 -18.53
N ALA A 143 -12.35 -1.89 -19.44
CA ALA A 143 -13.81 -1.99 -19.42
C ALA A 143 -14.34 -2.59 -18.13
N ARG A 144 -13.62 -3.57 -17.59
CA ARG A 144 -14.01 -4.24 -16.36
C ARG A 144 -13.99 -3.26 -15.18
N ASN A 145 -13.29 -2.15 -15.33
CA ASN A 145 -13.18 -1.16 -14.27
C ASN A 145 -13.96 0.11 -14.55
N CYS A 146 -14.91 0.02 -15.48
CA CYS A 146 -15.88 1.07 -15.70
C CYS A 146 -17.25 0.53 -15.29
N LEU A 147 -18.10 1.42 -14.77
CA LEU A 147 -19.41 1.02 -14.28
C LEU A 147 -20.52 1.74 -15.04
N VAL A 148 -21.65 1.07 -15.21
CA VAL A 148 -22.75 1.58 -16.01
C VAL A 148 -24.02 1.80 -15.19
N GLY A 149 -24.65 2.94 -15.37
CA GLY A 149 -25.94 3.22 -14.76
C GLY A 149 -27.01 3.36 -15.81
N GLU A 150 -28.19 3.86 -15.42
CA GLU A 150 -29.29 4.06 -16.35
C GLU A 150 -28.92 5.01 -17.47
N ASN A 151 -29.49 4.78 -18.65
CA ASN A 151 -29.34 5.66 -19.80
C ASN A 151 -27.90 5.81 -20.25
N HIS A 152 -27.15 4.71 -20.14
CA HIS A 152 -25.79 4.61 -20.68
C HIS A 152 -24.83 5.56 -19.98
N LEU A 153 -25.13 5.90 -18.74
CA LEU A 153 -24.21 6.66 -17.90
C LEU A 153 -23.03 5.78 -17.54
N VAL A 154 -21.82 6.27 -17.81
CA VAL A 154 -20.61 5.50 -17.51
C VAL A 154 -19.73 6.22 -16.50
N LYS A 155 -19.30 5.50 -15.48
CA LYS A 155 -18.39 6.06 -14.50
C LYS A 155 -17.15 5.18 -14.34
N VAL A 156 -16.01 5.82 -14.17
CA VAL A 156 -14.75 5.11 -13.99
C VAL A 156 -14.54 4.81 -12.51
N ALA A 157 -14.20 3.58 -12.19
CA ALA A 157 -13.86 3.20 -10.83
C ALA A 157 -12.55 3.88 -10.42
N ASP A 158 -12.59 4.59 -9.29
CA ASP A 158 -11.46 5.41 -8.87
C ASP A 158 -10.95 5.02 -7.47
N PHE A 159 -10.79 3.72 -7.23
CA PHE A 159 -10.41 3.24 -5.91
C PHE A 159 -8.92 2.92 -5.81
N GLY A 160 -8.20 3.03 -6.91
CA GLY A 160 -6.78 2.74 -6.90
C GLY A 160 -5.94 3.90 -7.41
N LEU A 161 -6.50 5.10 -7.33
CA LEU A 161 -5.81 6.30 -7.84
C LEU A 161 -4.50 6.57 -7.10
N SER A 162 -3.53 7.12 -7.82
CA SER A 162 -2.25 7.51 -7.23
C SER A 162 -1.96 8.96 -7.54
N ARG A 163 -1.41 9.67 -6.56
CA ARG A 163 -0.96 11.04 -6.79
C ARG A 163 0.33 11.04 -7.60
N LEU A 164 0.34 11.82 -8.67
CA LEU A 164 1.50 11.97 -9.52
C LEU A 164 1.40 13.27 -10.31
N MET A 165 2.39 14.14 -10.15
CA MET A 165 2.41 15.39 -10.88
C MET A 165 2.71 15.16 -12.36
N THR A 166 2.14 16.02 -13.21
CA THR A 166 2.40 16.00 -14.65
C THR A 166 3.90 15.99 -14.94
N GLY A 167 4.34 15.04 -15.76
CA GLY A 167 5.74 14.96 -16.13
C GLY A 167 6.56 14.08 -15.22
N ASP A 168 5.95 13.65 -14.11
CA ASP A 168 6.62 12.71 -13.21
C ASP A 168 6.21 11.29 -13.54
N THR A 169 6.92 10.33 -12.96
CA THR A 169 6.71 8.93 -13.27
C THR A 169 6.57 8.08 -12.00
N PTR A 170 5.54 7.25 -11.96
CA PTR A 170 5.38 6.29 -10.86
C PTR A 170 6.05 4.97 -11.24
O PTR A 170 5.81 4.43 -12.32
CB PTR A 170 3.92 6.07 -10.48
CG PTR A 170 3.67 4.84 -9.64
CD1 PTR A 170 3.30 3.64 -10.23
CD2 PTR A 170 3.83 4.86 -8.27
CE1 PTR A 170 3.09 2.51 -9.49
CE2 PTR A 170 3.62 3.72 -7.50
CZ PTR A 170 3.25 2.55 -8.11
OH PTR A 170 3.06 1.46 -7.43
P PTR A 170 2.54 1.46 -5.90
O1P PTR A 170 3.69 1.72 -5.01
O2P PTR A 170 1.96 0.06 -5.59
O3P PTR A 170 1.45 2.52 -5.69
N THR A 171 6.87 4.44 -10.33
CA THR A 171 7.54 3.17 -10.55
C THR A 171 6.91 2.09 -9.69
N ALA A 172 6.27 1.12 -10.35
CA ALA A 172 5.56 0.06 -9.66
C ALA A 172 6.50 -0.79 -8.83
N HIS A 173 5.99 -1.33 -7.73
CA HIS A 173 6.81 -2.10 -6.80
C HIS A 173 7.38 -3.34 -7.49
N ALA A 174 8.48 -3.85 -6.94
CA ALA A 174 9.15 -5.02 -7.50
C ALA A 174 8.27 -6.26 -7.42
N GLY A 175 8.28 -7.07 -8.48
CA GLY A 175 7.49 -8.28 -8.52
C GLY A 175 6.04 -8.07 -8.90
N ALA A 176 5.69 -6.85 -9.27
CA ALA A 176 4.31 -6.53 -9.63
C ALA A 176 3.88 -7.22 -10.92
N LYS A 177 2.66 -7.73 -10.92
CA LYS A 177 2.10 -8.36 -12.11
C LYS A 177 1.03 -7.47 -12.73
N PHE A 178 1.11 -7.29 -14.04
CA PHE A 178 0.25 -6.34 -14.75
C PHE A 178 -0.75 -7.05 -15.66
N PRO A 179 -1.89 -6.39 -15.94
CA PRO A 179 -2.77 -6.84 -17.03
C PRO A 179 -2.10 -6.55 -18.37
N ILE A 180 -1.33 -7.51 -18.86
CA ILE A 180 -0.37 -7.30 -19.94
C ILE A 180 -0.98 -6.65 -21.18
N LYS A 181 -2.13 -7.13 -21.62
CA LYS A 181 -2.72 -6.64 -22.86
C LYS A 181 -3.32 -5.24 -22.74
N TRP A 182 -3.33 -4.69 -21.53
CA TRP A 182 -3.75 -3.31 -21.30
C TRP A 182 -2.57 -2.41 -20.96
N THR A 183 -1.38 -2.99 -20.88
CA THR A 183 -0.24 -2.30 -20.28
C THR A 183 0.72 -1.68 -21.29
N ALA A 184 1.03 -0.40 -21.08
CA ALA A 184 1.96 0.33 -21.93
C ALA A 184 3.34 -0.32 -21.91
N PRO A 185 4.08 -0.21 -23.03
CA PRO A 185 5.39 -0.84 -23.17
C PRO A 185 6.42 -0.38 -22.14
N GLU A 186 6.43 0.91 -21.81
CA GLU A 186 7.37 1.43 -20.82
C GLU A 186 7.05 0.87 -19.44
N SER A 187 5.78 0.50 -19.23
CA SER A 187 5.35 -0.10 -17.97
C SER A 187 5.72 -1.58 -17.93
N LEU A 188 5.55 -2.26 -19.06
CA LEU A 188 5.91 -3.67 -19.16
C LEU A 188 7.40 -3.89 -18.97
N ALA A 189 8.21 -2.97 -19.48
CA ALA A 189 9.65 -3.16 -19.51
C ALA A 189 10.39 -2.55 -18.31
N TYR A 190 9.85 -1.48 -17.75
CA TYR A 190 10.55 -0.75 -16.69
C TYR A 190 9.66 -0.41 -15.50
N ASN A 191 8.46 -1.00 -15.46
CA ASN A 191 7.51 -0.75 -14.39
C ASN A 191 7.18 0.73 -14.19
N LYS A 192 7.28 1.50 -15.25
CA LYS A 192 7.03 2.94 -15.18
C LYS A 192 5.62 3.28 -15.63
N PHE A 193 4.94 4.10 -14.84
CA PHE A 193 3.57 4.50 -15.14
C PHE A 193 3.45 6.02 -15.12
N SER A 194 2.63 6.55 -16.02
CA SER A 194 2.34 7.96 -16.04
C SER A 194 0.94 8.15 -16.61
N ILE A 195 0.52 9.41 -16.75
CA ILE A 195 -0.77 9.69 -17.36
C ILE A 195 -0.78 9.20 -18.81
N LYS A 196 0.40 9.14 -19.43
CA LYS A 196 0.52 8.66 -20.80
C LYS A 196 0.33 7.14 -20.88
N SER A 197 0.64 6.42 -19.81
CA SER A 197 0.38 4.99 -19.78
C SER A 197 -1.13 4.76 -19.58
N ASP A 198 -1.79 5.68 -18.90
CA ASP A 198 -3.26 5.64 -18.82
C ASP A 198 -3.85 5.87 -20.21
N VAL A 199 -3.21 6.75 -20.99
CA VAL A 199 -3.65 7.02 -22.36
C VAL A 199 -3.57 5.75 -23.21
N TRP A 200 -2.46 5.02 -23.08
CA TRP A 200 -2.30 3.75 -23.77
C TRP A 200 -3.43 2.80 -23.40
N ALA A 201 -3.70 2.67 -22.10
CA ALA A 201 -4.76 1.78 -21.63
C ALA A 201 -6.12 2.22 -22.13
N PHE A 202 -6.33 3.54 -22.24
CA PHE A 202 -7.58 4.07 -22.76
C PHE A 202 -7.80 3.62 -24.21
N GLY A 203 -6.71 3.56 -24.97
CA GLY A 203 -6.75 3.07 -26.34
C GLY A 203 -7.26 1.64 -26.41
N VAL A 204 -6.79 0.80 -25.50
CA VAL A 204 -7.28 -0.58 -25.41
C VAL A 204 -8.75 -0.61 -24.99
N LEU A 205 -9.11 0.26 -24.05
CA LEU A 205 -10.49 0.40 -23.61
C LEU A 205 -11.40 0.79 -24.77
N LEU A 206 -10.90 1.68 -25.64
CA LEU A 206 -11.63 2.07 -26.85
C LEU A 206 -11.90 0.85 -27.72
N TRP A 207 -10.89 0.00 -27.86
CA TRP A 207 -10.99 -1.21 -28.66
C TRP A 207 -12.01 -2.16 -28.04
N GLU A 208 -12.06 -2.21 -26.71
CA GLU A 208 -13.06 -3.02 -26.01
C GLU A 208 -14.46 -2.52 -26.32
N ILE A 209 -14.63 -1.21 -26.33
CA ILE A 209 -15.92 -0.59 -26.58
C ILE A 209 -16.35 -0.84 -28.03
N ALA A 210 -15.43 -0.63 -28.98
CA ALA A 210 -15.71 -0.82 -30.39
C ALA A 210 -16.05 -2.27 -30.75
N THR A 211 -15.55 -3.22 -29.96
CA THR A 211 -15.80 -4.63 -30.22
C THR A 211 -16.89 -5.21 -29.33
N TYR A 212 -17.53 -4.34 -28.54
CA TYR A 212 -18.55 -4.74 -27.58
C TYR A 212 -18.03 -5.79 -26.61
N GLY A 213 -16.80 -5.60 -26.14
CA GLY A 213 -16.27 -6.40 -25.06
C GLY A 213 -15.50 -7.65 -25.44
N MET A 214 -14.91 -7.65 -26.63
CA MET A 214 -14.03 -8.75 -27.02
C MET A 214 -12.70 -8.62 -26.30
N SER A 215 -12.01 -9.74 -26.11
CA SER A 215 -10.69 -9.73 -25.50
C SER A 215 -9.65 -9.21 -26.50
N PRO A 216 -8.80 -8.28 -26.05
CA PRO A 216 -7.75 -7.68 -26.88
C PRO A 216 -6.68 -8.69 -27.30
N TYR A 217 -5.99 -8.39 -28.39
CA TYR A 217 -4.97 -9.28 -28.97
C TYR A 217 -5.43 -10.73 -28.94
N PRO A 218 -6.53 -11.05 -29.62
CA PRO A 218 -7.10 -12.39 -29.52
C PRO A 218 -6.15 -13.51 -29.94
N GLY A 219 -5.94 -14.47 -29.04
CA GLY A 219 -5.13 -15.64 -29.33
C GLY A 219 -3.64 -15.44 -29.19
N ILE A 220 -3.22 -14.18 -29.07
CA ILE A 220 -1.80 -13.86 -29.01
C ILE A 220 -1.22 -14.17 -27.64
N ASP A 221 -0.13 -14.94 -27.62
CA ASP A 221 0.54 -15.33 -26.38
C ASP A 221 1.00 -14.13 -25.58
N LEU A 222 0.69 -14.12 -24.29
CA LEU A 222 1.03 -13.02 -23.41
C LEU A 222 2.53 -12.72 -23.38
N SER A 223 3.35 -13.75 -23.54
CA SER A 223 4.79 -13.61 -23.44
C SER A 223 5.40 -12.87 -24.63
N GLN A 224 4.64 -12.76 -25.71
CA GLN A 224 5.17 -12.14 -26.93
C GLN A 224 4.55 -10.77 -27.22
N VAL A 225 3.65 -10.33 -26.34
CA VAL A 225 2.96 -9.06 -26.54
C VAL A 225 3.94 -7.89 -26.62
N TYR A 226 4.82 -7.78 -25.63
CA TYR A 226 5.81 -6.71 -25.61
C TYR A 226 6.69 -6.73 -26.86
N GLU A 227 7.13 -7.93 -27.24
CA GLU A 227 8.00 -8.09 -28.41
C GLU A 227 7.30 -7.68 -29.69
N LEU A 228 6.02 -8.00 -29.79
CA LEU A 228 5.22 -7.55 -30.93
C LEU A 228 5.11 -6.02 -30.94
N LEU A 229 4.87 -5.44 -29.78
CA LEU A 229 4.67 -4.00 -29.68
C LEU A 229 5.90 -3.21 -30.11
N GLU A 230 7.08 -3.71 -29.76
CA GLU A 230 8.31 -2.98 -30.08
C GLU A 230 8.66 -3.08 -31.57
N LYS A 231 8.04 -4.03 -32.26
CA LYS A 231 8.19 -4.13 -33.71
C LYS A 231 7.01 -3.47 -34.41
N ASP A 232 6.31 -2.63 -33.66
CA ASP A 232 5.18 -1.84 -34.14
C ASP A 232 3.99 -2.69 -34.62
N TYR A 233 3.75 -3.82 -33.95
CA TYR A 233 2.47 -4.50 -34.14
C TYR A 233 1.41 -3.80 -33.29
N ARG A 234 0.24 -3.62 -33.87
CA ARG A 234 -0.92 -3.06 -33.15
C ARG A 234 -2.17 -3.81 -33.58
N MET A 235 -3.21 -3.76 -32.76
CA MET A 235 -4.49 -4.36 -33.13
C MET A 235 -5.09 -3.65 -34.34
N GLU A 236 -5.63 -4.41 -35.28
CA GLU A 236 -6.22 -3.82 -36.47
C GLU A 236 -7.56 -3.16 -36.13
N ARG A 237 -8.06 -2.34 -37.04
CA ARG A 237 -9.36 -1.72 -36.85
C ARG A 237 -10.46 -2.79 -36.81
N PRO A 238 -11.26 -2.81 -35.74
CA PRO A 238 -12.42 -3.70 -35.58
C PRO A 238 -13.45 -3.32 -36.63
N GLU A 239 -14.36 -4.21 -36.99
CA GLU A 239 -15.34 -3.84 -38.01
C GLU A 239 -16.32 -2.84 -37.38
N GLY A 240 -16.92 -1.99 -38.22
CA GLY A 240 -17.88 -1.02 -37.76
C GLY A 240 -17.21 0.14 -37.09
N CYS A 241 -15.93 -0.01 -36.76
CA CYS A 241 -15.22 1.05 -36.08
C CYS A 241 -14.86 2.17 -37.06
N PRO A 242 -15.34 3.38 -36.78
CA PRO A 242 -15.01 4.55 -37.60
C PRO A 242 -13.50 4.77 -37.66
N GLU A 243 -13.00 5.14 -38.84
CA GLU A 243 -11.56 5.32 -39.05
C GLU A 243 -10.97 6.34 -38.10
N LYS A 244 -11.74 7.38 -37.79
CA LYS A 244 -11.26 8.43 -36.90
C LYS A 244 -11.18 7.96 -35.46
N VAL A 245 -12.06 7.04 -35.08
CA VAL A 245 -11.97 6.44 -33.76
C VAL A 245 -10.74 5.54 -33.69
N TYR A 246 -10.50 4.79 -34.76
CA TYR A 246 -9.34 3.92 -34.83
C TYR A 246 -8.03 4.72 -34.83
N GLU A 247 -8.04 5.87 -35.48
CA GLU A 247 -6.86 6.73 -35.51
C GLU A 247 -6.56 7.26 -34.12
N LEU A 248 -7.60 7.47 -33.33
CA LEU A 248 -7.43 7.83 -31.92
C LEU A 248 -6.82 6.68 -31.13
N MET A 249 -7.20 5.45 -31.46
CA MET A 249 -6.58 4.28 -30.83
C MET A 249 -5.09 4.25 -31.12
N ARG A 250 -4.75 4.35 -32.40
CA ARG A 250 -3.37 4.29 -32.85
C ARG A 250 -2.53 5.41 -32.25
N ALA A 251 -3.16 6.56 -32.04
CA ALA A 251 -2.48 7.68 -31.40
C ALA A 251 -2.18 7.33 -29.94
N CYS A 252 -3.13 6.65 -29.30
CA CYS A 252 -2.94 6.22 -27.91
C CYS A 252 -1.84 5.18 -27.79
N TRP A 253 -1.58 4.46 -28.89
CA TRP A 253 -0.62 3.35 -28.87
C TRP A 253 0.71 3.73 -29.50
N GLN A 254 1.04 5.02 -29.52
CA GLN A 254 2.37 5.44 -29.96
C GLN A 254 3.41 4.89 -28.99
N TRP A 255 4.58 4.50 -29.51
CA TRP A 255 5.61 3.90 -28.66
C TRP A 255 6.13 4.89 -27.63
N ASN A 256 6.44 6.09 -28.08
CA ASN A 256 6.94 7.13 -27.19
C ASN A 256 5.78 7.81 -26.47
N PRO A 257 5.77 7.72 -25.12
CA PRO A 257 4.69 8.26 -24.29
C PRO A 257 4.35 9.71 -24.58
N SER A 258 5.35 10.51 -24.93
CA SER A 258 5.13 11.93 -25.18
C SER A 258 4.46 12.18 -26.53
N ASP A 259 4.45 11.17 -27.39
CA ASP A 259 3.79 11.29 -28.68
C ASP A 259 2.28 11.02 -28.57
N ARG A 260 1.87 10.46 -27.44
CA ARG A 260 0.46 10.14 -27.23
C ARG A 260 -0.31 11.41 -26.87
N PRO A 261 -1.56 11.51 -27.33
CA PRO A 261 -2.38 12.70 -27.06
C PRO A 261 -2.72 12.81 -25.57
N SER A 262 -3.00 14.02 -25.10
CA SER A 262 -3.49 14.21 -23.76
C SER A 262 -4.96 13.81 -23.71
N PHE A 263 -5.45 13.53 -22.51
CA PHE A 263 -6.88 13.22 -22.35
C PHE A 263 -7.76 14.42 -22.68
N ALA A 264 -7.22 15.63 -22.50
CA ALA A 264 -7.95 16.83 -22.89
C ALA A 264 -8.18 16.86 -24.39
N GLU A 265 -7.17 16.44 -25.16
CA GLU A 265 -7.28 16.37 -26.61
C GLU A 265 -8.21 15.23 -27.02
N ILE A 266 -8.10 14.10 -26.32
CA ILE A 266 -8.93 12.94 -26.60
C ILE A 266 -10.41 13.25 -26.36
N HIS A 267 -10.70 13.85 -25.21
CA HIS A 267 -12.07 14.19 -24.87
C HIS A 267 -12.69 15.17 -25.86
N GLN A 268 -11.90 16.15 -26.29
CA GLN A 268 -12.39 17.15 -27.25
C GLN A 268 -12.76 16.50 -28.58
N ALA A 269 -11.94 15.57 -29.04
CA ALA A 269 -12.19 14.85 -30.29
C ALA A 269 -13.48 14.04 -30.20
N PHE A 270 -13.71 13.39 -29.07
CA PHE A 270 -14.90 12.56 -28.91
C PHE A 270 -16.15 13.41 -28.73
N GLU A 271 -16.01 14.52 -28.01
CA GLU A 271 -17.13 15.44 -27.80
C GLU A 271 -17.62 15.98 -29.15
N THR A 272 -16.67 16.25 -30.03
CA THR A 272 -16.97 16.73 -31.38
C THR A 272 -17.67 15.67 -32.21
N MET A 273 -17.13 14.45 -32.18
CA MET A 273 -17.73 13.34 -32.91
C MET A 273 -19.13 13.01 -32.39
N PHE A 274 -19.30 13.10 -31.08
CA PHE A 274 -20.59 12.79 -30.45
C PHE A 274 -21.64 13.85 -30.77
N GLN A 275 -21.25 15.12 -30.71
CA GLN A 275 -22.17 16.22 -31.00
C GLN A 275 -22.52 16.29 -32.47
N GLU A 276 -21.56 15.96 -33.34
CA GLU A 276 -21.78 16.00 -34.78
C GLU A 276 -22.42 14.72 -35.32
N SER A 277 -23.02 13.94 -34.44
CA SER A 277 -23.66 12.69 -34.85
C SER A 277 -25.18 12.75 -34.68
N TYR B 9 -1.77 -22.41 23.83
CA TYR B 9 -0.41 -22.91 23.74
C TYR B 9 -0.36 -24.25 23.00
N ASP B 10 -1.24 -25.16 23.39
CA ASP B 10 -1.33 -26.47 22.73
C ASP B 10 -1.82 -26.30 21.30
N LYS B 11 -2.60 -25.25 21.06
CA LYS B 11 -3.04 -24.92 19.71
C LYS B 11 -1.87 -24.34 18.91
N TRP B 12 -0.82 -23.97 19.62
CA TRP B 12 0.40 -23.45 19.00
C TRP B 12 1.46 -24.54 18.87
N GLU B 13 1.35 -25.58 19.69
CA GLU B 13 2.32 -26.67 19.69
C GLU B 13 2.32 -27.46 18.39
N MET B 14 3.44 -27.40 17.68
CA MET B 14 3.63 -28.22 16.49
C MET B 14 4.56 -29.36 16.87
N GLU B 15 4.66 -30.39 16.03
CA GLU B 15 5.72 -31.37 16.21
C GLU B 15 6.97 -30.82 15.53
N ARG B 16 8.12 -31.41 15.80
CA ARG B 16 9.40 -30.86 15.35
C ARG B 16 9.81 -31.47 14.03
N THR B 17 9.14 -32.56 13.68
CA THR B 17 9.43 -33.25 12.44
C THR B 17 8.62 -32.75 11.25
N ASP B 18 7.79 -31.74 11.45
CA ASP B 18 6.90 -31.25 10.39
C ASP B 18 7.63 -30.18 9.57
N ILE B 19 8.83 -29.85 10.01
CA ILE B 19 9.56 -28.70 9.46
C ILE B 19 10.87 -29.21 8.85
N THR B 20 11.37 -28.52 7.84
CA THR B 20 12.66 -28.88 7.27
C THR B 20 13.63 -27.71 7.45
N MET B 21 14.56 -27.88 8.39
CA MET B 21 15.54 -26.84 8.70
C MET B 21 16.42 -26.54 7.50
N LYS B 22 16.94 -25.32 7.45
CA LYS B 22 17.81 -24.89 6.35
C LYS B 22 19.01 -24.10 6.87
N HIS B 23 19.39 -23.07 6.13
CA HIS B 23 20.56 -22.26 6.47
C HIS B 23 20.20 -21.11 7.42
N LYS B 24 21.22 -20.55 8.05
CA LYS B 24 21.03 -19.45 9.00
C LYS B 24 20.64 -18.16 8.28
N LEU B 25 19.64 -17.47 8.81
CA LEU B 25 19.16 -16.23 8.22
C LEU B 25 19.98 -15.02 8.68
N GLY B 26 19.90 -13.95 7.91
CA GLY B 26 20.54 -12.69 8.27
C GLY B 26 22.06 -12.69 8.25
N GLY B 27 22.65 -13.86 8.01
CA GLY B 27 24.10 -13.99 8.08
C GLY B 27 24.56 -14.20 9.52
N GLY B 28 23.67 -14.76 10.33
CA GLY B 28 23.98 -15.06 11.71
C GLY B 28 23.84 -13.88 12.64
N GLN B 29 23.37 -12.75 12.12
CA GLN B 29 23.26 -11.53 12.91
C GLN B 29 22.11 -11.57 13.90
N TYR B 30 21.16 -12.47 13.68
CA TYR B 30 19.98 -12.57 14.54
C TYR B 30 20.07 -13.79 15.44
N GLY B 31 21.21 -14.48 15.40
CA GLY B 31 21.44 -15.63 16.25
C GLY B 31 20.93 -16.93 15.64
N GLU B 32 20.34 -17.76 16.48
CA GLU B 32 19.89 -19.09 16.04
C GLU B 32 18.52 -19.05 15.37
N VAL B 33 18.44 -18.29 14.28
CA VAL B 33 17.22 -18.22 13.49
C VAL B 33 17.48 -18.83 12.10
N TYR B 34 16.68 -19.81 11.73
CA TYR B 34 16.91 -20.53 10.48
C TYR B 34 15.70 -20.52 9.56
N GLU B 35 15.96 -20.55 8.26
CA GLU B 35 14.91 -20.70 7.26
C GLU B 35 14.30 -22.10 7.39
N GLY B 36 12.99 -22.19 7.22
CA GLY B 36 12.31 -23.46 7.36
C GLY B 36 11.21 -23.66 6.33
N VAL B 37 10.96 -24.91 5.98
CA VAL B 37 9.88 -25.25 5.07
C VAL B 37 8.86 -26.18 5.74
N TRP B 38 7.72 -25.61 6.09
CA TRP B 38 6.65 -26.36 6.73
C TRP B 38 5.91 -27.24 5.71
N LYS B 39 5.92 -28.56 5.93
CA LYS B 39 5.12 -29.48 5.12
C LYS B 39 3.65 -29.36 5.52
N LYS B 40 2.79 -30.14 4.88
CA LYS B 40 1.31 -30.02 4.95
C LYS B 40 0.89 -28.66 4.38
N TYR B 41 1.91 -27.89 4.05
CA TYR B 41 1.85 -26.64 3.32
C TYR B 41 3.20 -26.68 2.63
N SER B 42 3.64 -25.58 2.05
CA SER B 42 5.05 -25.47 1.68
C SER B 42 5.47 -24.04 1.97
N LEU B 43 4.84 -23.51 3.01
CA LEU B 43 5.16 -22.20 3.55
C LEU B 43 6.62 -22.13 3.94
N THR B 44 7.34 -21.20 3.32
CA THR B 44 8.66 -20.87 3.82
C THR B 44 8.46 -20.16 5.14
N VAL B 45 9.16 -20.63 6.18
CA VAL B 45 8.98 -20.04 7.51
C VAL B 45 10.32 -19.70 8.15
N ALA B 46 10.27 -18.96 9.24
CA ALA B 46 11.47 -18.65 10.01
C ALA B 46 11.44 -19.40 11.33
N VAL B 47 12.54 -20.09 11.64
CA VAL B 47 12.59 -20.93 12.82
C VAL B 47 13.69 -20.52 13.79
N LYS B 48 13.29 -20.14 14.99
CA LYS B 48 14.24 -19.81 16.05
C LYS B 48 14.52 -21.03 16.90
N THR B 49 15.80 -21.28 17.20
CA THR B 49 16.19 -22.43 18.00
C THR B 49 16.91 -22.02 19.28
N LEU B 50 16.83 -22.88 20.30
CA LEU B 50 17.51 -22.63 21.56
C LEU B 50 18.63 -23.63 21.79
N GLU B 56 19.14 -18.42 27.87
CA GLU B 56 18.49 -19.20 28.91
C GLU B 56 17.30 -19.97 28.35
N VAL B 57 16.66 -20.77 29.19
CA VAL B 57 15.45 -21.48 28.79
C VAL B 57 14.23 -20.69 29.25
N GLU B 58 14.36 -20.03 30.39
CA GLU B 58 13.30 -19.18 30.92
C GLU B 58 13.02 -18.00 29.98
N GLU B 59 14.08 -17.43 29.44
CA GLU B 59 13.96 -16.33 28.49
C GLU B 59 13.16 -16.74 27.26
N PHE B 60 13.33 -18.00 26.86
CA PHE B 60 12.87 -18.48 25.57
C PHE B 60 11.39 -18.83 25.60
N LEU B 61 10.97 -19.46 26.70
CA LEU B 61 9.57 -19.84 26.88
C LEU B 61 8.72 -18.61 27.19
N LYS B 62 9.28 -17.67 27.92
CA LYS B 62 8.59 -16.43 28.25
C LYS B 62 8.35 -15.61 26.99
N GLU B 63 9.34 -15.59 26.12
CA GLU B 63 9.27 -14.89 24.84
C GLU B 63 8.22 -15.52 23.93
N ALA B 64 8.20 -16.84 23.88
CA ALA B 64 7.24 -17.57 23.05
C ALA B 64 5.82 -17.36 23.55
N ALA B 65 5.65 -17.30 24.86
CA ALA B 65 4.34 -17.08 25.46
C ALA B 65 3.83 -15.68 25.14
N VAL B 66 4.74 -14.72 25.07
CA VAL B 66 4.39 -13.35 24.73
C VAL B 66 3.83 -13.28 23.32
N MET B 67 4.47 -13.99 22.39
CA MET B 67 4.07 -13.97 20.99
C MET B 67 2.67 -14.51 20.75
N LYS B 68 2.21 -15.38 21.65
CA LYS B 68 0.89 -15.97 21.54
C LYS B 68 -0.20 -14.94 21.87
N GLU B 69 0.18 -13.88 22.58
CA GLU B 69 -0.78 -12.85 23.00
C GLU B 69 -0.80 -11.67 22.03
N ILE B 70 0.23 -11.59 21.18
CA ILE B 70 0.38 -10.45 20.27
C ILE B 70 -0.23 -10.74 18.90
N LYS B 71 -1.06 -9.84 18.41
CA LYS B 71 -1.63 -9.96 17.08
C LYS B 71 -1.81 -8.59 16.44
N HIS B 72 -0.99 -8.29 15.44
CA HIS B 72 -1.06 -7.03 14.71
C HIS B 72 -0.51 -7.25 13.31
N PRO B 73 -1.15 -6.63 12.30
CA PRO B 73 -0.73 -6.79 10.90
C PRO B 73 0.71 -6.32 10.64
N ASN B 74 1.28 -5.55 11.57
CA ASN B 74 2.63 -5.03 11.40
C ASN B 74 3.58 -5.56 12.47
N LEU B 75 3.21 -6.68 13.08
CA LEU B 75 4.10 -7.43 13.95
C LEU B 75 4.21 -8.85 13.41
N VAL B 76 5.44 -9.38 13.38
CA VAL B 76 5.68 -10.72 12.87
C VAL B 76 4.77 -11.74 13.55
N GLN B 77 3.94 -12.40 12.75
CA GLN B 77 2.94 -13.30 13.30
C GLN B 77 3.50 -14.66 13.65
N LEU B 78 3.20 -15.13 14.85
CA LEU B 78 3.60 -16.44 15.32
C LEU B 78 2.79 -17.54 14.63
N LEU B 79 3.49 -18.58 14.18
CA LEU B 79 2.82 -19.71 13.54
C LEU B 79 2.71 -20.90 14.48
N GLY B 80 3.83 -21.30 15.07
CA GLY B 80 3.83 -22.42 16.00
C GLY B 80 5.07 -22.47 16.87
N VAL B 81 5.05 -23.34 17.88
CA VAL B 81 6.18 -23.52 18.78
C VAL B 81 6.48 -24.99 19.00
N CYS B 82 7.74 -25.30 19.32
CA CYS B 82 8.15 -26.68 19.59
C CYS B 82 9.11 -26.74 20.77
N TYR B 89 11.70 -24.84 19.57
CA TYR B 89 11.63 -24.12 18.31
C TYR B 89 10.49 -23.11 18.32
N ILE B 90 10.76 -21.89 17.84
CA ILE B 90 9.71 -20.89 17.63
C ILE B 90 9.56 -20.63 16.14
N ILE B 91 8.35 -20.86 15.63
CA ILE B 91 8.11 -20.75 14.19
C ILE B 91 7.23 -19.55 13.87
N THR B 92 7.74 -18.64 13.03
CA THR B 92 6.99 -17.46 12.61
C THR B 92 6.92 -17.38 11.09
N GLU B 93 6.13 -16.44 10.59
CA GLU B 93 6.03 -16.23 9.15
C GLU B 93 7.35 -15.75 8.58
N PHE B 94 7.57 -16.00 7.30
CA PHE B 94 8.79 -15.58 6.64
C PHE B 94 8.55 -14.31 5.82
N MET B 95 9.39 -13.30 6.03
CA MET B 95 9.29 -12.05 5.29
C MET B 95 10.23 -12.10 4.09
N THR B 96 9.64 -12.14 2.90
CA THR B 96 10.37 -12.46 1.68
C THR B 96 11.45 -11.46 1.28
N TYR B 97 11.36 -10.21 1.75
CA TYR B 97 12.33 -9.19 1.38
C TYR B 97 13.34 -8.90 2.49
N GLY B 98 13.34 -9.71 3.53
CA GLY B 98 14.34 -9.60 4.59
C GLY B 98 14.20 -8.36 5.45
N ASN B 99 15.30 -7.95 6.07
CA ASN B 99 15.29 -6.84 7.01
C ASN B 99 15.28 -5.48 6.32
N LEU B 100 14.67 -4.50 6.98
CA LEU B 100 14.48 -3.17 6.42
C LEU B 100 15.79 -2.45 6.09
N LEU B 101 16.81 -2.69 6.92
CA LEU B 101 18.11 -2.04 6.72
C LEU B 101 18.74 -2.40 5.39
N ASP B 102 18.87 -3.70 5.13
CA ASP B 102 19.44 -4.17 3.87
C ASP B 102 18.53 -3.80 2.70
N TYR B 103 17.23 -3.81 2.94
CA TYR B 103 16.24 -3.48 1.92
C TYR B 103 16.39 -2.03 1.44
N LEU B 104 16.56 -1.11 2.38
CA LEU B 104 16.69 0.30 2.05
C LEU B 104 18.00 0.59 1.33
N ARG B 105 19.05 -0.16 1.69
CA ARG B 105 20.37 0.04 1.09
C ARG B 105 20.45 -0.47 -0.35
N GLU B 106 19.57 -1.41 -0.71
CA GLU B 106 19.66 -2.05 -2.01
C GLU B 106 18.47 -1.73 -2.95
N CYS B 107 17.49 -1.00 -2.44
CA CYS B 107 16.26 -0.77 -3.19
C CYS B 107 16.41 0.28 -4.29
N ASN B 108 15.53 0.19 -5.28
CA ASN B 108 15.35 1.26 -6.26
C ASN B 108 14.59 2.40 -5.61
N ARG B 109 15.23 3.56 -5.50
CA ARG B 109 14.66 4.68 -4.76
C ARG B 109 13.58 5.42 -5.53
N GLN B 110 13.50 5.18 -6.84
CA GLN B 110 12.41 5.72 -7.64
C GLN B 110 11.13 4.98 -7.30
N GLU B 111 11.28 3.70 -6.98
CA GLU B 111 10.18 2.89 -6.48
C GLU B 111 9.93 3.21 -5.01
N VAL B 112 10.93 2.97 -4.18
CA VAL B 112 10.82 3.25 -2.75
C VAL B 112 11.16 4.72 -2.51
N ASN B 113 10.20 5.59 -2.83
CA ASN B 113 10.43 7.03 -2.75
C ASN B 113 9.81 7.64 -1.50
N ALA B 114 9.65 8.95 -1.52
CA ALA B 114 9.20 9.70 -0.35
C ALA B 114 7.90 9.17 0.26
N VAL B 115 6.91 8.86 -0.59
CA VAL B 115 5.62 8.39 -0.09
C VAL B 115 5.74 6.99 0.51
N VAL B 116 6.60 6.15 -0.06
CA VAL B 116 6.80 4.79 0.46
C VAL B 116 7.51 4.82 1.81
N LEU B 117 8.41 5.77 2.00
CA LEU B 117 9.09 5.94 3.28
C LEU B 117 8.09 6.34 4.36
N LEU B 118 7.15 7.21 4.00
CA LEU B 118 6.09 7.61 4.90
C LEU B 118 5.20 6.42 5.24
N TYR B 119 4.95 5.60 4.23
CA TYR B 119 4.13 4.41 4.37
C TYR B 119 4.78 3.43 5.35
N MET B 120 6.08 3.26 5.21
CA MET B 120 6.86 2.42 6.11
C MET B 120 6.79 2.90 7.55
N ALA B 121 6.99 4.20 7.75
CA ALA B 121 6.96 4.78 9.09
C ALA B 121 5.56 4.66 9.71
N THR B 122 4.53 4.78 8.88
CA THR B 122 3.16 4.67 9.34
C THR B 122 2.86 3.25 9.83
N GLN B 123 3.34 2.25 9.08
CA GLN B 123 3.17 0.86 9.46
C GLN B 123 3.85 0.55 10.78
N ILE B 124 5.09 1.02 10.92
CA ILE B 124 5.88 0.75 12.11
C ILE B 124 5.28 1.44 13.34
N SER B 125 4.89 2.70 13.19
CA SER B 125 4.31 3.46 14.30
C SER B 125 2.97 2.86 14.72
N SER B 126 2.30 2.20 13.78
CA SER B 126 1.04 1.53 14.06
C SER B 126 1.24 0.35 15.00
N ALA B 127 2.26 -0.45 14.70
CA ALA B 127 2.59 -1.61 15.52
C ALA B 127 3.02 -1.16 16.92
N MET B 128 3.77 -0.07 16.98
CA MET B 128 4.25 0.45 18.26
C MET B 128 3.11 1.05 19.08
N GLU B 129 2.14 1.65 18.40
CA GLU B 129 0.96 2.17 19.10
C GLU B 129 0.19 1.02 19.75
N TYR B 130 0.12 -0.10 19.04
CA TYR B 130 -0.49 -1.32 19.55
C TYR B 130 0.23 -1.79 20.81
N LEU B 131 1.55 -1.89 20.72
CA LEU B 131 2.36 -2.28 21.87
C LEU B 131 2.24 -1.29 23.02
N GLU B 132 2.11 -0.01 22.67
CA GLU B 132 1.97 1.06 23.65
C GLU B 132 0.73 0.86 24.54
N LYS B 133 -0.39 0.49 23.91
CA LYS B 133 -1.64 0.28 24.64
C LYS B 133 -1.69 -1.05 25.37
N LYS B 134 -0.90 -2.02 24.91
CA LYS B 134 -0.89 -3.36 25.50
C LYS B 134 0.10 -3.48 26.66
N ASN B 135 0.67 -2.34 27.05
CA ASN B 135 1.67 -2.29 28.13
C ASN B 135 2.87 -3.19 27.85
N PHE B 136 3.32 -3.20 26.60
CA PHE B 136 4.55 -3.88 26.23
C PHE B 136 5.59 -2.85 25.82
N ILE B 137 6.86 -3.24 25.84
CA ILE B 137 7.91 -2.42 25.26
C ILE B 137 8.78 -3.28 24.37
N HIS B 138 9.57 -2.64 23.50
CA HIS B 138 10.34 -3.36 22.49
C HIS B 138 11.82 -3.43 22.84
N ARG B 139 12.40 -2.26 23.10
CA ARG B 139 13.79 -2.11 23.55
C ARG B 139 14.87 -2.42 22.51
N ASP B 140 14.47 -2.79 21.29
CA ASP B 140 15.46 -2.92 20.23
C ASP B 140 14.90 -2.49 18.88
N LEU B 141 14.21 -1.35 18.88
CA LEU B 141 13.63 -0.81 17.66
C LEU B 141 14.73 -0.24 16.76
N ALA B 142 14.87 -0.82 15.57
CA ALA B 142 15.89 -0.42 14.61
C ALA B 142 15.56 -1.04 13.26
N ALA B 143 16.14 -0.48 12.20
CA ALA B 143 15.86 -0.97 10.84
C ALA B 143 16.23 -2.43 10.67
N ARG B 144 17.29 -2.87 11.34
CA ARG B 144 17.72 -4.26 11.28
C ARG B 144 16.66 -5.19 11.86
N ASN B 145 15.84 -4.67 12.76
CA ASN B 145 14.82 -5.48 13.42
C ASN B 145 13.43 -5.23 12.86
N CYS B 146 13.38 -4.59 11.70
CA CYS B 146 12.14 -4.47 10.95
C CYS B 146 12.25 -5.32 9.70
N LEU B 147 11.15 -5.98 9.33
CA LEU B 147 11.18 -6.90 8.21
C LEU B 147 10.25 -6.44 7.08
N VAL B 148 10.64 -6.75 5.84
CA VAL B 148 9.92 -6.28 4.67
C VAL B 148 9.31 -7.44 3.88
N GLY B 149 8.05 -7.29 3.51
CA GLY B 149 7.39 -8.26 2.66
C GLY B 149 7.04 -7.66 1.31
N GLU B 150 6.13 -8.31 0.59
CA GLU B 150 5.70 -7.83 -0.71
C GLU B 150 4.90 -6.52 -0.57
N ASN B 151 4.92 -5.72 -1.63
CA ASN B 151 4.16 -4.46 -1.69
C ASN B 151 4.53 -3.48 -0.58
N HIS B 152 5.82 -3.42 -0.26
CA HIS B 152 6.36 -2.51 0.75
C HIS B 152 5.73 -2.73 2.13
N LEU B 153 5.28 -3.95 2.38
CA LEU B 153 4.76 -4.31 3.70
C LEU B 153 5.89 -4.36 4.70
N VAL B 154 5.71 -3.69 5.84
CA VAL B 154 6.74 -3.69 6.88
C VAL B 154 6.17 -4.21 8.20
N LYS B 155 6.91 -5.12 8.83
CA LYS B 155 6.53 -5.64 10.13
C LYS B 155 7.69 -5.53 11.12
N VAL B 156 7.37 -5.25 12.37
CA VAL B 156 8.38 -5.13 13.41
C VAL B 156 8.63 -6.49 14.06
N ALA B 157 9.89 -6.88 14.20
CA ALA B 157 10.25 -8.09 14.94
C ALA B 157 9.85 -7.93 16.40
N ASP B 158 9.21 -8.97 16.95
CA ASP B 158 8.65 -8.90 18.29
C ASP B 158 9.08 -10.08 19.16
N PHE B 159 10.39 -10.33 19.21
CA PHE B 159 10.89 -11.51 19.91
C PHE B 159 11.55 -11.16 21.23
N GLY B 160 11.86 -9.88 21.43
CA GLY B 160 12.47 -9.44 22.66
C GLY B 160 11.57 -8.53 23.47
N LEU B 161 10.26 -8.63 23.23
CA LEU B 161 9.29 -7.77 23.91
C LEU B 161 9.29 -8.00 25.42
N SER B 162 9.13 -6.92 26.17
CA SER B 162 9.02 -7.01 27.62
C SER B 162 7.68 -6.50 28.10
N ARG B 163 7.11 -7.18 29.08
CA ARG B 163 5.81 -6.81 29.63
C ARG B 163 5.98 -5.86 30.81
N LEU B 164 5.17 -4.81 30.84
CA LEU B 164 5.16 -3.89 31.97
C LEU B 164 4.12 -4.33 32.98
N MET B 165 4.56 -5.05 34.01
CA MET B 165 3.65 -5.65 34.98
C MET B 165 2.92 -4.61 35.83
N THR B 166 3.63 -3.59 36.28
CA THR B 166 3.03 -2.58 37.16
C THR B 166 3.05 -1.16 36.60
N GLY B 167 4.24 -0.61 36.39
CA GLY B 167 4.37 0.80 36.06
C GLY B 167 4.59 1.11 34.59
N ASP B 168 5.45 2.10 34.33
CA ASP B 168 5.74 2.53 32.97
C ASP B 168 7.16 2.18 32.54
N THR B 169 7.99 1.78 33.50
CA THR B 169 9.40 1.54 33.24
C THR B 169 9.79 0.08 33.47
N PTR B 170 10.75 -0.39 32.69
CA PTR B 170 11.28 -1.75 32.83
C PTR B 170 12.80 -1.66 33.01
O PTR B 170 13.50 -1.20 32.11
CB PTR B 170 10.92 -2.58 31.59
CG PTR B 170 11.46 -3.99 31.57
CD1 PTR B 170 12.78 -4.25 31.20
CD2 PTR B 170 10.67 -5.07 31.92
CE1 PTR B 170 13.28 -5.53 31.18
CE2 PTR B 170 11.16 -6.36 31.90
CZ PTR B 170 12.47 -6.59 31.52
OH PTR B 170 12.98 -7.79 31.50
P PTR B 170 12.18 -9.10 31.01
O1P PTR B 170 11.56 -9.74 32.21
O2P PTR B 170 11.09 -8.74 29.99
O3P PTR B 170 13.19 -10.08 30.39
N THR B 171 13.28 -2.09 34.17
CA THR B 171 14.71 -2.08 34.45
C THR B 171 15.39 -3.32 33.88
N ALA B 172 16.34 -3.11 32.97
CA ALA B 172 17.12 -4.20 32.42
C ALA B 172 18.09 -4.74 33.47
N HIS B 173 18.48 -5.99 33.35
CA HIS B 173 19.45 -6.57 34.28
C HIS B 173 20.78 -5.86 34.18
N ALA B 174 21.48 -5.72 35.30
CA ALA B 174 22.74 -4.99 35.34
C ALA B 174 23.76 -5.61 34.40
N GLY B 175 24.51 -4.77 33.71
CA GLY B 175 25.54 -5.23 32.80
C GLY B 175 25.00 -5.64 31.44
N ALA B 176 23.74 -5.28 31.17
CA ALA B 176 23.13 -5.58 29.88
C ALA B 176 23.74 -4.66 28.81
N LYS B 177 23.94 -5.21 27.62
CA LYS B 177 24.51 -4.43 26.52
C LYS B 177 23.42 -3.84 25.63
N PHE B 178 23.48 -2.53 25.41
CA PHE B 178 22.49 -1.84 24.59
C PHE B 178 23.12 -1.29 23.31
N PRO B 179 22.36 -1.28 22.21
CA PRO B 179 22.79 -0.56 21.00
C PRO B 179 22.78 0.94 21.27
N ILE B 180 23.95 1.46 21.65
CA ILE B 180 24.06 2.81 22.19
C ILE B 180 23.46 3.90 21.30
N LYS B 181 23.72 3.80 20.00
CA LYS B 181 23.26 4.81 19.05
C LYS B 181 21.73 4.84 18.90
N TRP B 182 21.06 3.77 19.32
CA TRP B 182 19.61 3.71 19.26
C TRP B 182 18.97 3.90 20.64
N THR B 183 19.80 4.03 21.67
CA THR B 183 19.33 3.99 23.05
C THR B 183 19.09 5.37 23.65
N ALA B 184 17.92 5.56 24.26
CA ALA B 184 17.56 6.80 24.91
C ALA B 184 18.55 7.13 26.05
N PRO B 185 18.74 8.43 26.32
CA PRO B 185 19.64 8.92 27.37
C PRO B 185 19.38 8.34 28.76
N GLU B 186 18.12 8.31 29.17
CA GLU B 186 17.78 7.79 30.49
C GLU B 186 18.04 6.29 30.57
N SER B 187 18.06 5.63 29.42
CA SER B 187 18.30 4.19 29.37
C SER B 187 19.79 3.87 29.38
N LEU B 188 20.59 4.75 28.80
CA LEU B 188 22.03 4.57 28.82
C LEU B 188 22.58 4.83 30.22
N ALA B 189 21.92 5.72 30.95
CA ALA B 189 22.42 6.18 32.23
C ALA B 189 21.91 5.34 33.39
N TYR B 190 20.69 4.81 33.26
CA TYR B 190 20.03 4.14 34.37
C TYR B 190 19.51 2.75 34.05
N ASN B 191 19.77 2.28 32.82
CA ASN B 191 19.28 0.97 32.37
C ASN B 191 17.77 0.82 32.49
N LYS B 192 17.06 1.94 32.41
CA LYS B 192 15.61 1.93 32.49
C LYS B 192 14.99 2.21 31.12
N PHE B 193 14.11 1.32 30.70
CA PHE B 193 13.47 1.44 29.40
C PHE B 193 11.97 1.64 29.54
N SER B 194 11.40 2.39 28.60
CA SER B 194 9.97 2.66 28.61
C SER B 194 9.47 2.77 27.19
N ILE B 195 8.19 3.08 27.02
CA ILE B 195 7.64 3.30 25.69
C ILE B 195 8.23 4.59 25.12
N LYS B 196 8.61 5.50 26.00
CA LYS B 196 9.24 6.75 25.60
C LYS B 196 10.66 6.52 25.10
N SER B 197 11.32 5.49 25.62
CA SER B 197 12.65 5.15 25.13
C SER B 197 12.52 4.43 23.78
N ASP B 198 11.39 3.76 23.57
CA ASP B 198 11.07 3.21 22.26
C ASP B 198 10.83 4.34 21.26
N VAL B 199 10.22 5.42 21.74
CA VAL B 199 9.96 6.58 20.90
C VAL B 199 11.29 7.21 20.45
N TRP B 200 12.27 7.25 21.36
CA TRP B 200 13.61 7.72 21.03
C TRP B 200 14.22 6.86 19.93
N ALA B 201 14.14 5.55 20.11
CA ALA B 201 14.69 4.60 19.13
C ALA B 201 13.98 4.74 17.79
N PHE B 202 12.68 5.01 17.84
CA PHE B 202 11.90 5.18 16.63
C PHE B 202 12.39 6.38 15.82
N GLY B 203 12.82 7.43 16.53
CA GLY B 203 13.38 8.60 15.89
C GLY B 203 14.64 8.27 15.12
N VAL B 204 15.50 7.45 15.74
CA VAL B 204 16.71 7.01 15.08
C VAL B 204 16.38 6.16 13.87
N LEU B 205 15.35 5.32 14.03
CA LEU B 205 14.84 4.49 12.94
C LEU B 205 14.36 5.36 11.79
N LEU B 206 13.70 6.48 12.10
CA LEU B 206 13.27 7.42 11.08
C LEU B 206 14.46 7.97 10.30
N TRP B 207 15.53 8.27 11.03
CA TRP B 207 16.77 8.76 10.40
C TRP B 207 17.35 7.67 9.50
N GLU B 208 17.27 6.42 9.94
CA GLU B 208 17.72 5.29 9.13
C GLU B 208 16.92 5.18 7.83
N ILE B 209 15.61 5.37 7.95
CA ILE B 209 14.72 5.29 6.80
C ILE B 209 14.99 6.45 5.84
N ALA B 210 15.07 7.66 6.38
CA ALA B 210 15.25 8.86 5.57
C ALA B 210 16.59 8.87 4.81
N THR B 211 17.59 8.18 5.34
CA THR B 211 18.92 8.14 4.71
C THR B 211 19.10 6.87 3.89
N TYR B 212 18.03 6.08 3.79
CA TYR B 212 18.05 4.79 3.10
C TYR B 212 19.12 3.86 3.69
N GLY B 213 19.25 3.89 5.02
CA GLY B 213 20.06 2.90 5.71
C GLY B 213 21.48 3.30 6.09
N MET B 214 21.72 4.60 6.23
CA MET B 214 23.03 5.05 6.69
C MET B 214 23.17 4.77 8.18
N SER B 215 24.42 4.60 8.62
CA SER B 215 24.70 4.37 10.03
C SER B 215 24.55 5.68 10.79
N PRO B 216 23.83 5.64 11.93
CA PRO B 216 23.62 6.84 12.73
C PRO B 216 24.90 7.31 13.41
N TYR B 217 24.96 8.62 13.68
CA TYR B 217 26.14 9.24 14.29
C TYR B 217 27.46 8.76 13.70
N PRO B 218 27.63 8.90 12.37
CA PRO B 218 28.83 8.34 11.73
C PRO B 218 30.12 9.00 12.22
N GLY B 219 31.07 8.19 12.66
CA GLY B 219 32.40 8.67 13.02
C GLY B 219 32.50 9.18 14.43
N ILE B 220 31.40 9.04 15.17
CA ILE B 220 31.35 9.45 16.57
C ILE B 220 31.55 8.23 17.47
N ASP B 221 32.31 8.40 18.54
CA ASP B 221 32.59 7.28 19.44
C ASP B 221 31.59 7.21 20.60
N LEU B 222 31.13 5.99 20.85
CA LEU B 222 29.99 5.72 21.73
C LEU B 222 30.13 6.30 23.13
N SER B 223 31.36 6.51 23.57
CA SER B 223 31.61 7.05 24.90
C SER B 223 31.14 8.49 25.02
N GLN B 224 31.27 9.24 23.93
CA GLN B 224 30.90 10.65 23.91
C GLN B 224 29.39 10.86 23.70
N VAL B 225 28.73 9.84 23.18
CA VAL B 225 27.32 9.95 22.78
C VAL B 225 26.43 10.54 23.86
N TYR B 226 26.50 10.02 25.07
CA TYR B 226 25.62 10.50 26.15
C TYR B 226 25.85 11.99 26.45
N GLU B 227 27.11 12.37 26.61
CA GLU B 227 27.43 13.77 26.93
C GLU B 227 27.03 14.69 25.78
N LEU B 228 27.28 14.25 24.55
CA LEU B 228 26.81 14.99 23.38
C LEU B 228 25.31 15.24 23.45
N LEU B 229 24.56 14.19 23.73
CA LEU B 229 23.11 14.28 23.82
C LEU B 229 22.67 15.17 24.98
N GLU B 230 23.41 15.11 26.09
CA GLU B 230 23.11 15.94 27.25
C GLU B 230 23.32 17.41 26.91
N LYS B 231 24.33 17.69 26.10
CA LYS B 231 24.60 19.05 25.68
C LYS B 231 23.92 19.37 24.35
N ASP B 232 22.77 18.72 24.13
CA ASP B 232 21.84 19.04 23.05
C ASP B 232 22.36 18.79 21.64
N TYR B 233 23.27 17.84 21.48
CA TYR B 233 23.67 17.43 20.13
C TYR B 233 22.64 16.46 19.57
N ARG B 234 22.18 16.74 18.35
CA ARG B 234 21.23 15.87 17.66
C ARG B 234 21.63 15.70 16.21
N MET B 235 21.32 14.56 15.62
CA MET B 235 21.59 14.33 14.22
C MET B 235 20.83 15.34 13.37
N GLU B 236 21.46 15.80 12.31
CA GLU B 236 20.88 16.84 11.47
C GLU B 236 19.96 16.26 10.41
N ARG B 237 19.15 17.12 9.80
CA ARG B 237 18.19 16.69 8.80
C ARG B 237 18.90 16.13 7.57
N PRO B 238 18.60 14.87 7.23
CA PRO B 238 19.13 14.24 6.01
C PRO B 238 18.69 15.00 4.77
N GLU B 239 19.49 14.98 3.72
CA GLU B 239 19.12 15.66 2.47
C GLU B 239 17.93 14.97 1.82
N GLY B 240 16.90 15.74 1.52
CA GLY B 240 15.70 15.21 0.91
C GLY B 240 14.61 14.90 1.93
N CYS B 241 15.00 14.89 3.21
CA CYS B 241 14.04 14.63 4.28
C CYS B 241 13.13 15.85 4.49
N PRO B 242 11.80 15.63 4.39
CA PRO B 242 10.84 16.71 4.63
C PRO B 242 10.97 17.30 6.02
N GLU B 243 10.78 18.61 6.14
CA GLU B 243 10.93 19.31 7.41
C GLU B 243 10.03 18.72 8.50
N LYS B 244 8.80 18.40 8.13
CA LYS B 244 7.83 17.87 9.09
C LYS B 244 8.26 16.51 9.65
N VAL B 245 8.94 15.73 8.81
CA VAL B 245 9.46 14.45 9.25
C VAL B 245 10.62 14.64 10.22
N TYR B 246 11.52 15.57 9.89
CA TYR B 246 12.66 15.86 10.77
C TYR B 246 12.20 16.45 12.10
N GLU B 247 11.12 17.23 12.10
CA GLU B 247 10.57 17.77 13.34
C GLU B 247 10.05 16.66 14.22
N LEU B 248 9.54 15.59 13.61
CA LEU B 248 9.08 14.44 14.36
C LEU B 248 10.28 13.68 14.95
N MET B 249 11.38 13.63 14.21
CA MET B 249 12.62 13.05 14.74
C MET B 249 13.04 13.79 16.00
N ARG B 250 13.11 15.11 15.89
CA ARG B 250 13.54 15.97 16.99
C ARG B 250 12.60 15.85 18.19
N ALA B 251 11.31 15.67 17.91
CA ALA B 251 10.34 15.48 18.98
C ALA B 251 10.60 14.16 19.69
N CYS B 252 10.95 13.13 18.92
CA CYS B 252 11.28 11.83 19.48
C CYS B 252 12.55 11.88 20.31
N TRP B 253 13.38 12.88 20.04
CA TRP B 253 14.70 13.00 20.68
C TRP B 253 14.74 14.07 21.76
N GLN B 254 13.57 14.38 22.33
CA GLN B 254 13.53 15.30 23.47
C GLN B 254 14.21 14.65 24.66
N TRP B 255 14.98 15.44 25.41
CA TRP B 255 15.76 14.92 26.53
C TRP B 255 14.86 14.28 27.59
N ASN B 256 13.90 15.05 28.07
CA ASN B 256 12.91 14.57 29.03
C ASN B 256 11.88 13.69 28.33
N PRO B 257 11.82 12.40 28.71
CA PRO B 257 10.93 11.40 28.11
C PRO B 257 9.48 11.85 28.00
N SER B 258 9.00 12.61 28.98
CA SER B 258 7.60 13.04 29.00
C SER B 258 7.31 14.08 27.93
N ASP B 259 8.35 14.74 27.44
CA ASP B 259 8.21 15.75 26.39
C ASP B 259 8.06 15.10 25.01
N ARG B 260 8.47 13.84 24.91
CA ARG B 260 8.40 13.11 23.65
C ARG B 260 6.95 12.75 23.31
N PRO B 261 6.61 12.72 22.02
CA PRO B 261 5.25 12.36 21.63
C PRO B 261 4.94 10.88 21.85
N SER B 262 3.67 10.55 21.95
CA SER B 262 3.24 9.15 22.06
C SER B 262 3.19 8.53 20.67
N PHE B 263 3.23 7.19 20.62
CA PHE B 263 3.17 6.49 19.35
C PHE B 263 1.82 6.70 18.66
N ALA B 264 0.80 7.01 19.46
CA ALA B 264 -0.52 7.32 18.91
C ALA B 264 -0.45 8.63 18.13
N GLU B 265 0.22 9.62 18.70
CA GLU B 265 0.41 10.90 18.04
C GLU B 265 1.33 10.77 16.84
N ILE B 266 2.35 9.95 16.98
CA ILE B 266 3.31 9.70 15.91
C ILE B 266 2.64 9.03 14.72
N HIS B 267 1.87 7.97 14.97
CA HIS B 267 1.17 7.26 13.92
C HIS B 267 0.21 8.17 13.16
N GLN B 268 -0.52 9.00 13.91
CA GLN B 268 -1.47 9.92 13.32
C GLN B 268 -0.79 10.95 12.41
N ALA B 269 0.34 11.48 12.85
CA ALA B 269 1.08 12.46 12.05
C ALA B 269 1.56 11.88 10.74
N PHE B 270 2.11 10.66 10.79
CA PHE B 270 2.62 10.02 9.58
C PHE B 270 1.50 9.53 8.68
N GLU B 271 0.42 9.03 9.28
CA GLU B 271 -0.74 8.58 8.52
C GLU B 271 -1.29 9.72 7.67
N THR B 272 -1.40 10.89 8.27
CA THR B 272 -1.88 12.08 7.57
C THR B 272 -0.97 12.46 6.41
N MET B 273 0.34 12.50 6.67
CA MET B 273 1.32 12.82 5.62
C MET B 273 1.31 11.80 4.50
N PHE B 274 1.20 10.53 4.86
CA PHE B 274 1.14 9.45 3.89
C PHE B 274 -0.11 9.55 2.99
N GLN B 275 -1.25 9.84 3.61
CA GLN B 275 -2.51 9.94 2.86
C GLN B 275 -2.50 11.14 1.90
N GLU B 276 -1.92 12.25 2.35
CA GLU B 276 -1.88 13.47 1.56
C GLU B 276 -0.83 13.43 0.46
N SER B 277 -0.04 12.37 0.45
CA SER B 277 1.00 12.18 -0.56
C SER B 277 0.55 11.19 -1.63
N1 QH9 C . -13.43 -0.66 -3.17
N3 QH9 C . -21.79 -0.21 -8.22
C4 QH9 C . -15.20 -0.65 -4.84
C5 QH9 C . -14.67 -0.27 -3.56
C6 QH9 C . -14.94 -1.83 -6.96
C7 QH9 C . -16.23 -1.41 -7.36
C8 QH9 C . -17.04 -0.61 -6.46
C10 QH9 C . -18.45 -0.11 -6.83
C13 QH9 C . -18.96 1.18 -6.51
C15 QH9 C . -21.00 -2.40 -8.79
C17 QH9 C . -21.33 -3.74 -9.50
C20 QH9 C . -21.87 -6.06 -10.86
C21 QH9 C . -20.37 -4.37 -10.26
C22 QH9 C . -24.34 -6.06 -10.06
C24 QH9 C . -23.64 -8.39 -9.23
C26 QH9 C . -27.40 -6.58 -7.66
C1 QH9 C . -12.64 -1.42 -3.96
C2 QH9 C . -13.08 -1.84 -5.22
C3 QH9 C . -14.42 -1.44 -5.68
C9 QH9 C . -16.53 -0.23 -5.22
C11 QH9 C . -19.50 -0.82 -7.55
C12 QH9 C . -20.57 0.09 -7.61
N2 QH9 C . -20.21 1.27 -6.99
C14 QH9 C . -19.68 -2.13 -8.16
C16 QH9 C . -22.00 -1.40 -8.80
C18 QH9 C . -22.67 -4.29 -9.45
C19 QH9 C . -22.92 -5.47 -10.12
N4 QH9 C . -20.66 -5.51 -10.90
N5 QH9 C . -24.65 -7.43 -9.67
O1 QH9 C . -25.26 -5.32 -10.41
C23 QH9 C . -26.07 -7.81 -9.68
C25 QH9 C . -26.84 -7.14 -8.54
O2 QH9 C . -16.72 -1.80 -8.59
C27 QH9 C . -15.81 -1.54 -9.67
N1 QH9 D . 13.90 -15.29 17.13
N3 QH9 D . 11.83 -13.45 7.74
C4 QH9 D . 13.52 -14.35 14.93
C5 QH9 D . 13.30 -15.34 15.92
C6 QH9 D . 14.63 -12.27 14.22
C7 QH9 D . 13.97 -12.33 12.97
C8 QH9 D . 13.07 -13.44 12.69
C10 QH9 D . 12.32 -13.56 11.34
C13 QH9 D . 10.96 -13.96 11.20
C15 QH9 D . 14.13 -12.77 7.89
C17 QH9 D . 15.42 -12.30 7.16
C20 QH9 D . 17.70 -11.44 5.88
C21 QH9 D . 16.24 -11.37 7.72
C22 QH9 D . 17.28 -12.97 3.85
C24 QH9 D . 19.16 -14.42 4.81
C26 QH9 D . 16.93 -16.44 1.67
C1 QH9 D . 14.77 -14.29 17.45
C2 QH9 D . 15.05 -13.27 16.54
C3 QH9 D . 14.39 -13.28 15.21
C9 QH9 D . 12.85 -14.42 13.65
C11 QH9 D . 12.83 -13.31 9.99
C12 QH9 D . 11.74 -13.57 9.13
N2 QH9 D . 10.65 -13.96 9.89
C14 QH9 D . 14.08 -12.89 9.36
C16 QH9 D . 12.96 -13.06 7.12
C18 QH9 D . 15.75 -12.85 5.84
C19 QH9 D . 16.91 -12.42 5.23
N4 QH9 D . 17.35 -10.96 7.08
N5 QH9 D . 18.35 -13.93 3.66
O1 QH9 D . 16.64 -12.59 2.87
C23 QH9 D . 18.64 -14.41 2.30
C25 QH9 D . 17.69 -15.57 1.95
O2 QH9 D . 14.20 -11.37 12.03
C27 QH9 D . 14.58 -10.09 12.56
#